data_2HXV
#
_entry.id   2HXV
#
_cell.length_a   104.180
_cell.length_b   104.180
_cell.length_c   145.890
_cell.angle_alpha   90.000
_cell.angle_beta   90.000
_cell.angle_gamma   90.000
#
_symmetry.space_group_name_H-M   'I 4 2 2'
#
loop_
_entity.id
_entity.type
_entity.pdbx_description
1 polymer 'Diaminohydroxyphosphoribosylaminopyrimidine deaminase/ 5-amino-6-(5-phosphoribosylamino)uracil reductase'
2 non-polymer 'ZINC ION'
3 non-polymer 'CHLORIDE ION'
4 non-polymer 'NADPH DIHYDRO-NICOTINAMIDE-ADENINE-DINUCLEOTIDE PHOSPHATE'
5 non-polymer GLYCEROL
6 water water
#
_entity_poly.entity_id   1
_entity_poly.type   'polypeptide(L)'
_entity_poly.pdbx_seq_one_letter_code
;(MSE)GSDKIHHHHHH(MSE)YETF(MSE)KRAIELAKKGLGRVNPNPPVGAVVVKDGRIIAEGFHPYFGGPHAER
(MSE)AIESARKKGEDLRGATLIVTLEPCDHHGKTPPCTDLIIESGIKTVVIGTRDPNPVSGNGVEKFRNHGIEVIEGVL
EEEVKKLCEFFITYVTKKRPFVALKYASTLDGKIADHRGDSKWITDKLRFKVHE(MSE)RNIYSAVLVGAGTVLKDNPQL
TCRLKEGRNPVRVILDRKGVLSGKVFRVFEENARVIVFTESEEAEYPPHVEKALSDCSVESILRNLYERDIDSVLVEGGS
KVFSEFLDHADVVFGFYSTKIFGKGLDVFSGYLSDVSVPPKFKVVNVEFSDSEFLVE(MSE)RPCSRE
;
_entity_poly.pdbx_strand_id   A
#
loop_
_chem_comp.id
_chem_comp.type
_chem_comp.name
_chem_comp.formula
CL non-polymer 'CHLORIDE ION' 'Cl -1'
GOL non-polymer GLYCEROL 'C3 H8 O3'
NDP non-polymer 'NADPH DIHYDRO-NICOTINAMIDE-ADENINE-DINUCLEOTIDE PHOSPHATE' 'C21 H30 N7 O17 P3'
ZN non-polymer 'ZINC ION' 'Zn 2'
#
# COMPACT_ATOMS: atom_id res chain seq x y z
N HIS A 9 -15.96 19.00 -22.24
CA HIS A 9 -16.39 20.09 -21.29
C HIS A 9 -16.49 19.52 -19.88
N HIS A 10 -17.64 18.88 -19.62
CA HIS A 10 -17.90 18.23 -18.33
C HIS A 10 -16.88 17.13 -18.06
N HIS A 11 -16.54 16.37 -19.08
CA HIS A 11 -15.63 15.25 -18.88
C HIS A 11 -14.23 15.70 -18.46
N HIS A 12 -13.75 16.78 -19.03
CA HIS A 12 -12.53 17.40 -18.54
C HIS A 12 -12.72 17.91 -17.10
N MSE A 13 -13.90 18.46 -16.79
CA MSE A 13 -14.15 18.94 -15.43
C MSE A 13 -14.25 17.76 -14.49
O MSE A 13 -13.66 17.81 -13.39
CB MSE A 13 -15.37 19.83 -15.32
CG MSE A 13 -15.14 21.30 -15.80
SE MSE A 13 -13.37 22.22 -15.38
CE MSE A 13 -13.06 21.64 -13.47
N TYR A 14 -14.92 16.69 -14.92
CA TYR A 14 -14.92 15.47 -14.12
C TYR A 14 -13.54 14.96 -13.86
N GLU A 15 -12.64 15.02 -14.83
CA GLU A 15 -11.25 14.56 -14.55
C GLU A 15 -10.54 15.48 -13.56
N THR A 16 -10.76 16.78 -13.68
CA THR A 16 -10.15 17.72 -12.74
C THR A 16 -10.61 17.43 -11.31
N PHE A 17 -11.92 17.27 -11.13
CA PHE A 17 -12.49 16.94 -9.84
C PHE A 17 -12.06 15.59 -9.35
N MSE A 18 -11.92 14.59 -10.24
CA MSE A 18 -11.48 13.27 -9.83
C MSE A 18 -10.01 13.33 -9.35
O MSE A 18 -9.60 12.58 -8.47
CB MSE A 18 -11.62 12.21 -10.93
CG MSE A 18 -11.37 10.76 -10.48
SE MSE A 18 -12.66 10.12 -9.20
CE MSE A 18 -14.22 9.83 -10.43
N LYS A 19 -9.23 14.18 -9.96
CA LYS A 19 -7.85 14.37 -9.54
C LYS A 19 -7.80 14.85 -8.09
N ARG A 20 -8.69 15.76 -7.75
CA ARG A 20 -8.73 16.26 -6.38
C ARG A 20 -9.23 15.15 -5.43
N ALA A 21 -10.19 14.37 -5.88
CA ALA A 21 -10.72 13.23 -5.11
C ALA A 21 -9.60 12.19 -4.83
N ILE A 22 -8.74 11.95 -5.80
CA ILE A 22 -7.60 11.09 -5.59
C ILE A 22 -6.64 11.68 -4.57
N GLU A 23 -6.35 12.96 -4.72
CA GLU A 23 -5.48 13.65 -3.78
C GLU A 23 -6.05 13.55 -2.33
N LEU A 24 -7.37 13.73 -2.21
CA LEU A 24 -8.06 13.54 -0.94
C LEU A 24 -7.93 12.11 -0.39
N ALA A 25 -8.12 11.12 -1.26
CA ALA A 25 -8.07 9.72 -0.87
C ALA A 25 -6.72 9.35 -0.23
N LYS A 26 -5.67 9.94 -0.77
CA LYS A 26 -4.35 9.63 -0.38
C LYS A 26 -4.09 10.03 1.05
N LYS A 27 -4.90 10.93 1.61
CA LYS A 27 -4.74 11.35 2.99
C LYS A 27 -4.93 10.19 3.99
N GLY A 28 -5.58 9.14 3.56
CA GLY A 28 -5.82 7.95 4.39
C GLY A 28 -4.90 6.77 4.15
N LEU A 29 -3.99 6.88 3.20
CA LEU A 29 -3.09 5.75 2.89
C LEU A 29 -2.32 5.41 4.14
N GLY A 30 -2.25 4.12 4.45
CA GLY A 30 -1.53 3.65 5.60
C GLY A 30 -2.40 3.61 6.83
N ARG A 31 -3.54 4.30 6.81
CA ARG A 31 -4.47 4.30 7.93
C ARG A 31 -5.74 3.56 7.66
N VAL A 32 -6.16 3.52 6.40
CA VAL A 32 -7.40 2.85 6.03
C VAL A 32 -7.25 1.34 5.87
N ASN A 33 -6.02 0.89 5.65
CA ASN A 33 -5.77 -0.51 5.29
C ASN A 33 -6.37 -1.44 6.33
N PRO A 34 -6.96 -2.55 5.92
CA PRO A 34 -7.11 -3.05 4.57
C PRO A 34 -8.35 -2.52 3.83
N ASN A 35 -9.04 -1.48 4.32
CA ASN A 35 -10.05 -0.81 3.48
C ASN A 35 -9.28 -0.05 2.37
N PRO A 36 -9.95 0.30 1.25
CA PRO A 36 -9.33 1.16 0.25
C PRO A 36 -9.32 2.60 0.71
N PRO A 37 -8.38 3.40 0.20
CA PRO A 37 -8.42 4.83 0.31
C PRO A 37 -9.50 5.34 -0.62
N VAL A 38 -10.29 6.31 -0.15
CA VAL A 38 -11.39 6.87 -0.96
C VAL A 38 -11.46 8.34 -0.75
N GLY A 39 -11.68 9.03 -1.88
CA GLY A 39 -11.86 10.49 -1.85
C GLY A 39 -13.19 10.87 -2.51
N ALA A 40 -13.77 11.99 -2.07
CA ALA A 40 -15.06 12.44 -2.57
C ALA A 40 -15.11 13.97 -2.62
N VAL A 41 -15.64 14.52 -3.70
CA VAL A 41 -15.92 15.94 -3.77
CA VAL A 41 -15.84 15.94 -3.91
C VAL A 41 -17.33 16.15 -4.25
N VAL A 42 -17.99 17.17 -3.68
CA VAL A 42 -19.31 17.55 -4.07
C VAL A 42 -19.19 18.89 -4.82
N VAL A 43 -19.79 18.95 -6.01
CA VAL A 43 -19.69 20.05 -6.91
C VAL A 43 -21.09 20.55 -7.14
N LYS A 44 -21.26 21.86 -7.09
CA LYS A 44 -22.55 22.48 -7.40
C LYS A 44 -22.32 23.74 -8.26
N ASP A 45 -22.96 23.80 -9.41
CA ASP A 45 -22.83 24.91 -10.35
C ASP A 45 -21.36 25.15 -10.59
N GLY A 46 -20.63 24.05 -10.75
CA GLY A 46 -19.26 24.05 -11.20
C GLY A 46 -18.23 24.30 -10.14
N ARG A 47 -18.65 24.46 -8.89
CA ARG A 47 -17.73 24.77 -7.80
C ARG A 47 -17.73 23.57 -6.87
N ILE A 48 -16.54 23.19 -6.39
CA ILE A 48 -16.43 22.24 -5.30
C ILE A 48 -17.01 22.92 -4.06
N ILE A 49 -18.03 22.32 -3.45
CA ILE A 49 -18.60 22.91 -2.28
C ILE A 49 -18.30 22.11 -1.01
N ALA A 50 -17.82 20.88 -1.16
CA ALA A 50 -17.41 20.10 -0.01
C ALA A 50 -16.52 18.99 -0.44
N GLU A 51 -15.71 18.49 0.50
CA GLU A 51 -14.76 17.43 0.27
C GLU A 51 -14.75 16.46 1.41
N GLY A 52 -14.25 15.28 1.12
CA GLY A 52 -14.23 14.16 2.09
C GLY A 52 -13.22 13.10 1.69
N PHE A 53 -12.68 12.38 2.69
CA PHE A 53 -11.79 11.23 2.47
C PHE A 53 -12.04 10.23 3.56
N HIS A 54 -11.72 8.97 3.31
CA HIS A 54 -11.78 7.90 4.32
C HIS A 54 -10.51 7.99 5.21
N PRO A 55 -10.69 8.35 6.49
CA PRO A 55 -9.54 8.72 7.34
C PRO A 55 -8.80 7.56 7.99
N TYR A 56 -9.50 6.48 8.28
CA TYR A 56 -8.91 5.35 8.96
C TYR A 56 -9.85 4.16 8.81
N PHE A 57 -9.28 2.99 9.00
CA PHE A 57 -10.05 1.73 8.99
C PHE A 57 -11.24 1.76 9.94
N GLY A 58 -12.41 1.54 9.34
CA GLY A 58 -13.65 1.58 10.09
C GLY A 58 -14.18 2.96 10.39
N GLY A 59 -13.54 4.01 9.84
CA GLY A 59 -13.99 5.37 9.98
C GLY A 59 -15.05 5.76 8.97
N PRO A 60 -15.49 7.04 9.00
CA PRO A 60 -16.55 7.46 8.12
C PRO A 60 -16.13 7.36 6.70
N HIS A 61 -17.08 7.07 5.82
CA HIS A 61 -16.78 6.96 4.43
C HIS A 61 -16.62 8.36 3.88
N ALA A 62 -15.82 8.46 2.84
CA ALA A 62 -15.49 9.72 2.24
C ALA A 62 -16.76 10.49 1.82
N GLU A 63 -17.71 9.77 1.22
CA GLU A 63 -18.95 10.39 0.77
C GLU A 63 -19.74 10.99 1.91
N ARG A 64 -19.79 10.29 3.05
CA ARG A 64 -20.47 10.79 4.20
C ARG A 64 -19.79 12.01 4.76
N MSE A 65 -18.47 11.99 4.87
CA MSE A 65 -17.76 13.16 5.33
C MSE A 65 -18.07 14.38 4.46
O MSE A 65 -18.39 15.41 4.96
CB MSE A 65 -16.26 12.89 5.37
CG MSE A 65 -15.50 14.08 5.79
SE MSE A 65 -13.60 13.79 5.92
CE MSE A 65 -13.52 12.33 7.05
N ALA A 66 -18.02 14.23 3.15
CA ALA A 66 -18.26 15.33 2.23
C ALA A 66 -19.69 15.83 2.29
N ILE A 67 -20.65 14.92 2.26
CA ILE A 67 -22.07 15.33 2.34
C ILE A 67 -22.46 15.99 3.68
N GLU A 68 -21.96 15.47 4.79
CA GLU A 68 -22.19 16.11 6.09
C GLU A 68 -21.50 17.45 6.19
N SER A 69 -20.30 17.56 5.64
CA SER A 69 -19.65 18.87 5.57
C SER A 69 -20.48 19.88 4.81
N ALA A 70 -20.98 19.50 3.65
CA ALA A 70 -21.77 20.42 2.84
C ALA A 70 -22.97 20.88 3.64
N ARG A 71 -23.64 19.96 4.33
CA ARG A 71 -24.85 20.31 5.00
C ARG A 71 -24.53 21.30 6.13
N LYS A 72 -23.46 21.04 6.84
CA LYS A 72 -23.00 21.94 7.88
C LYS A 72 -22.76 23.37 7.34
N LYS A 73 -22.27 23.48 6.12
CA LYS A 73 -22.01 24.78 5.50
C LYS A 73 -23.32 25.47 5.04
N GLY A 74 -24.44 24.74 5.11
CA GLY A 74 -25.73 25.21 4.64
C GLY A 74 -25.91 25.08 3.16
N GLU A 75 -25.16 24.19 2.53
CA GLU A 75 -25.34 23.99 1.10
C GLU A 75 -26.53 23.13 0.82
N ASP A 76 -27.29 23.49 -0.21
CA ASP A 76 -28.42 22.73 -0.70
C ASP A 76 -27.89 21.76 -1.76
N LEU A 77 -27.93 20.48 -1.45
CA LEU A 77 -27.27 19.47 -2.31
C LEU A 77 -28.16 19.01 -3.42
N ARG A 78 -29.43 19.48 -3.43
CA ARG A 78 -30.36 19.03 -4.44
C ARG A 78 -29.82 19.49 -5.77
N GLY A 79 -29.63 18.55 -6.69
CA GLY A 79 -29.11 18.89 -8.02
C GLY A 79 -27.61 18.96 -8.11
N ALA A 80 -26.94 18.67 -7.01
CA ALA A 80 -25.47 18.64 -6.99
C ALA A 80 -24.91 17.34 -7.58
N THR A 81 -23.59 17.32 -7.76
CA THR A 81 -22.88 16.18 -8.28
C THR A 81 -21.87 15.68 -7.27
N LEU A 82 -21.80 14.36 -7.10
CA LEU A 82 -20.74 13.76 -6.31
C LEU A 82 -19.73 13.12 -7.24
N ILE A 83 -18.44 13.39 -6.98
CA ILE A 83 -17.34 12.73 -7.69
C ILE A 83 -16.55 11.95 -6.64
N VAL A 84 -16.47 10.64 -6.79
CA VAL A 84 -15.96 9.75 -5.76
C VAL A 84 -15.07 8.68 -6.42
N THR A 85 -13.94 8.36 -5.78
CA THR A 85 -12.99 7.45 -6.41
C THR A 85 -13.54 6.06 -6.57
N LEU A 86 -14.23 5.55 -5.56
CA LEU A 86 -14.75 4.20 -5.53
C LEU A 86 -16.28 4.22 -5.47
N GLU A 87 -16.93 3.27 -6.15
CA GLU A 87 -18.35 3.10 -6.07
C GLU A 87 -18.81 3.10 -4.65
N PRO A 88 -19.75 3.98 -4.32
CA PRO A 88 -20.38 3.98 -2.99
C PRO A 88 -21.00 2.65 -2.52
N CYS A 89 -20.88 2.41 -1.23
CA CYS A 89 -21.34 1.15 -0.62
C CYS A 89 -22.83 1.19 -0.57
N ASP A 90 -23.42 0.01 -0.66
CA ASP A 90 -24.83 -0.15 -0.53
C ASP A 90 -25.09 -1.18 0.58
N HIS A 91 -24.27 -1.22 1.63
CA HIS A 91 -24.60 -2.02 2.81
C HIS A 91 -24.72 -1.17 4.09
N HIS A 92 -25.73 -1.47 4.89
CA HIS A 92 -25.78 -0.96 6.26
C HIS A 92 -24.55 -1.46 7.04
N GLY A 93 -23.67 -0.54 7.39
CA GLY A 93 -22.65 -0.81 8.39
C GLY A 93 -23.21 -0.43 9.75
N LYS A 94 -22.40 0.26 10.54
CA LYS A 94 -22.91 0.98 11.70
C LYS A 94 -23.97 1.98 11.21
N THR A 95 -23.68 2.67 10.11
CA THR A 95 -24.59 3.64 9.53
C THR A 95 -25.35 3.08 8.32
N PRO A 96 -26.39 3.78 7.90
CA PRO A 96 -26.99 3.46 6.61
C PRO A 96 -25.95 3.54 5.50
N PRO A 97 -26.19 2.84 4.40
CA PRO A 97 -25.22 2.89 3.32
C PRO A 97 -25.05 4.26 2.69
N CYS A 98 -23.93 4.47 2.02
CA CYS A 98 -23.66 5.75 1.34
C CYS A 98 -24.64 5.95 0.20
N THR A 99 -25.08 4.88 -0.44
CA THR A 99 -26.11 5.03 -1.45
C THR A 99 -27.33 5.79 -0.95
N ASP A 100 -27.87 5.35 0.20
CA ASP A 100 -29.06 6.04 0.79
C ASP A 100 -28.78 7.50 1.14
N LEU A 101 -27.63 7.76 1.73
CA LEU A 101 -27.25 9.12 2.06
C LEU A 101 -27.24 10.02 0.80
N ILE A 102 -26.62 9.51 -0.25
CA ILE A 102 -26.46 10.26 -1.50
C ILE A 102 -27.82 10.53 -2.13
N ILE A 103 -28.64 9.49 -2.23
CA ILE A 103 -30.01 9.62 -2.75
C ILE A 103 -30.81 10.66 -1.99
N GLU A 104 -30.75 10.55 -0.65
CA GLU A 104 -31.58 11.43 0.22
C GLU A 104 -31.10 12.83 0.23
N SER A 105 -29.84 13.03 -0.12
CA SER A 105 -29.29 14.39 -0.19
C SER A 105 -29.77 15.19 -1.36
N GLY A 106 -30.27 14.51 -2.37
CA GLY A 106 -30.76 15.14 -3.60
C GLY A 106 -29.73 15.25 -4.73
N ILE A 107 -28.55 14.72 -4.49
CA ILE A 107 -27.54 14.60 -5.50
C ILE A 107 -28.07 13.88 -6.74
N LYS A 108 -27.87 14.49 -7.91
CA LYS A 108 -28.42 13.96 -9.14
C LYS A 108 -27.48 13.23 -10.07
N THR A 109 -26.19 13.34 -9.82
CA THR A 109 -25.15 12.78 -10.67
C THR A 109 -24.05 12.30 -9.77
N VAL A 110 -23.65 11.04 -9.98
CA VAL A 110 -22.59 10.40 -9.24
C VAL A 110 -21.54 9.92 -10.26
N VAL A 111 -20.35 10.43 -10.13
CA VAL A 111 -19.23 10.11 -11.00
C VAL A 111 -18.24 9.27 -10.19
N ILE A 112 -17.95 8.07 -10.69
CA ILE A 112 -17.16 7.04 -10.01
CA ILE A 112 -17.10 7.13 -9.98
C ILE A 112 -15.88 6.76 -10.81
N GLY A 113 -14.78 6.51 -10.12
CA GLY A 113 -13.54 6.12 -10.76
C GLY A 113 -13.57 4.66 -11.11
N THR A 114 -13.90 3.82 -10.13
CA THR A 114 -13.94 2.37 -10.39
C THR A 114 -14.96 1.69 -9.51
N ARG A 115 -15.52 0.59 -9.99
CA ARG A 115 -16.47 -0.15 -9.16
C ARG A 115 -15.79 -0.91 -8.06
N ASP A 116 -16.51 -1.21 -6.98
CA ASP A 116 -15.90 -1.86 -5.85
C ASP A 116 -15.87 -3.36 -6.12
N PRO A 117 -14.66 -3.98 -6.15
CA PRO A 117 -14.57 -5.41 -6.42
C PRO A 117 -15.01 -6.28 -5.23
N ASN A 118 -15.21 -5.68 -4.07
CA ASN A 118 -15.67 -6.42 -2.93
C ASN A 118 -17.18 -6.72 -3.00
N PRO A 119 -17.56 -8.02 -3.05
CA PRO A 119 -18.99 -8.38 -3.23
C PRO A 119 -19.93 -7.80 -2.18
N VAL A 120 -19.46 -7.71 -0.95
CA VAL A 120 -20.29 -7.25 0.15
C VAL A 120 -20.70 -5.78 0.03
N SER A 121 -20.07 -5.03 -0.87
CA SER A 121 -20.40 -3.59 -1.04
C SER A 121 -21.74 -3.40 -1.78
N GLY A 122 -22.17 -4.42 -2.51
CA GLY A 122 -23.48 -4.41 -3.16
C GLY A 122 -23.47 -3.62 -4.46
N ASN A 123 -24.67 -3.32 -4.96
CA ASN A 123 -24.88 -2.81 -6.31
C ASN A 123 -25.22 -1.31 -6.27
N GLY A 124 -24.23 -0.52 -5.86
CA GLY A 124 -24.44 0.90 -5.71
C GLY A 124 -24.86 1.53 -7.04
N VAL A 125 -24.13 1.24 -8.09
CA VAL A 125 -24.39 1.85 -9.43
C VAL A 125 -25.88 1.60 -9.77
N GLU A 126 -26.33 0.38 -9.60
CA GLU A 126 -27.69 0.03 -9.97
C GLU A 126 -28.74 0.73 -9.11
N LYS A 127 -28.49 0.83 -7.81
CA LYS A 127 -29.42 1.50 -6.92
C LYS A 127 -29.55 2.94 -7.34
N PHE A 128 -28.41 3.57 -7.65
CA PHE A 128 -28.49 4.97 -8.01
C PHE A 128 -29.36 5.14 -9.26
N ARG A 129 -29.13 4.29 -10.25
CA ARG A 129 -29.84 4.44 -11.51
C ARG A 129 -31.32 4.15 -11.36
N ASN A 130 -31.66 3.32 -10.38
CA ASN A 130 -33.04 3.06 -10.02
C ASN A 130 -33.73 4.22 -9.26
N HIS A 131 -32.98 5.24 -8.85
CA HIS A 131 -33.54 6.41 -8.18
C HIS A 131 -33.18 7.67 -8.98
N GLY A 132 -33.19 7.48 -10.29
CA GLY A 132 -33.16 8.57 -11.23
C GLY A 132 -31.84 9.27 -11.40
N ILE A 133 -30.79 8.73 -10.80
CA ILE A 133 -29.51 9.41 -10.79
C ILE A 133 -28.70 9.02 -12.00
N GLU A 134 -27.96 9.98 -12.52
CA GLU A 134 -27.01 9.81 -13.58
C GLU A 134 -25.71 9.26 -13.01
N VAL A 135 -25.33 8.03 -13.40
CA VAL A 135 -24.06 7.47 -12.89
C VAL A 135 -23.06 7.42 -14.02
N ILE A 136 -21.93 8.10 -13.85
CA ILE A 136 -20.86 8.12 -14.84
C ILE A 136 -19.71 7.30 -14.27
N GLU A 137 -19.30 6.26 -14.99
CA GLU A 137 -18.31 5.32 -14.46
C GLU A 137 -16.99 5.42 -15.20
N GLY A 138 -15.90 5.19 -14.50
CA GLY A 138 -14.60 5.00 -15.12
C GLY A 138 -13.78 6.26 -15.31
N VAL A 139 -14.10 7.35 -14.62
CA VAL A 139 -13.31 8.57 -14.76
C VAL A 139 -11.96 8.41 -14.03
N LEU A 140 -10.87 8.59 -14.77
CA LEU A 140 -9.52 8.33 -14.30
C LEU A 140 -9.41 6.94 -13.68
N GLU A 141 -10.09 5.95 -14.26
CA GLU A 141 -10.17 4.64 -13.65
C GLU A 141 -8.79 4.00 -13.42
N GLU A 142 -7.89 4.11 -14.38
CA GLU A 142 -6.58 3.50 -14.23
C GLU A 142 -5.83 4.08 -13.03
N GLU A 143 -5.89 5.40 -12.86
CA GLU A 143 -5.22 6.09 -11.75
C GLU A 143 -5.84 5.64 -10.41
N VAL A 144 -7.16 5.49 -10.40
CA VAL A 144 -7.83 5.05 -9.21
C VAL A 144 -7.52 3.63 -8.88
N LYS A 145 -7.43 2.76 -9.89
CA LYS A 145 -7.02 1.37 -9.57
C LYS A 145 -5.60 1.29 -8.98
N LYS A 146 -4.69 2.15 -9.48
CA LYS A 146 -3.36 2.23 -8.92
C LYS A 146 -3.46 2.67 -7.47
N LEU A 147 -4.24 3.72 -7.22
CA LEU A 147 -4.49 4.24 -5.87
C LEU A 147 -4.92 3.13 -4.91
N CYS A 148 -5.83 2.29 -5.36
CA CYS A 148 -6.42 1.16 -4.58
C CYS A 148 -5.81 -0.21 -4.82
N GLU A 149 -4.60 -0.26 -5.35
CA GLU A 149 -4.12 -1.53 -5.78
C GLU A 149 -3.93 -2.52 -4.61
N PHE A 150 -3.63 -2.01 -3.42
CA PHE A 150 -3.52 -2.89 -2.28
C PHE A 150 -4.83 -3.56 -2.04
N PHE A 151 -5.89 -2.77 -1.95
CA PHE A 151 -7.22 -3.30 -1.68
C PHE A 151 -7.66 -4.22 -2.80
N ILE A 152 -7.43 -3.84 -4.06
CA ILE A 152 -7.86 -4.65 -5.17
C ILE A 152 -7.20 -6.01 -5.13
N THR A 153 -5.90 -6.02 -4.79
CA THR A 153 -5.15 -7.28 -4.66
C THR A 153 -5.71 -8.13 -3.51
N TYR A 154 -5.89 -7.49 -2.36
CA TYR A 154 -6.39 -8.15 -1.14
C TYR A 154 -7.74 -8.83 -1.43
N VAL A 155 -8.63 -8.11 -2.09
CA VAL A 155 -9.99 -8.60 -2.29
C VAL A 155 -9.99 -9.66 -3.38
N THR A 156 -9.29 -9.39 -4.48
CA THR A 156 -9.40 -10.25 -5.65
C THR A 156 -8.48 -11.41 -5.64
N LYS A 157 -7.33 -11.34 -4.96
CA LYS A 157 -6.35 -12.42 -4.95
C LYS A 157 -6.16 -13.07 -3.59
N LYS A 158 -6.83 -12.50 -2.58
CA LYS A 158 -6.77 -12.99 -1.22
C LYS A 158 -5.35 -13.16 -0.70
N ARG A 159 -4.55 -12.11 -0.92
CA ARG A 159 -3.19 -12.05 -0.39
C ARG A 159 -2.82 -10.58 -0.34
N PRO A 160 -1.77 -10.23 0.39
CA PRO A 160 -1.26 -8.86 0.33
C PRO A 160 -0.59 -8.54 -1.02
N PHE A 161 -0.63 -7.27 -1.39
CA PHE A 161 0.17 -6.75 -2.50
C PHE A 161 1.61 -6.79 -2.02
N VAL A 162 2.53 -7.24 -2.86
CA VAL A 162 3.94 -7.40 -2.50
C VAL A 162 4.80 -6.46 -3.30
N ALA A 163 5.52 -5.61 -2.60
CA ALA A 163 6.57 -4.76 -3.22
C ALA A 163 7.90 -5.22 -2.73
N LEU A 164 8.89 -5.18 -3.60
CA LEU A 164 10.26 -5.53 -3.21
C LEU A 164 11.11 -4.34 -3.45
N LYS A 165 11.77 -3.89 -2.38
CA LYS A 165 12.61 -2.71 -2.42
C LYS A 165 14.04 -3.04 -2.02
N TYR A 166 15.01 -2.70 -2.87
CA TYR A 166 16.41 -2.86 -2.57
C TYR A 166 17.20 -1.61 -2.85
N ALA A 167 18.35 -1.51 -2.19
CA ALA A 167 19.32 -0.44 -2.36
C ALA A 167 20.60 -1.06 -2.83
N SER A 168 21.01 -0.69 -4.02
CA SER A 168 22.16 -1.33 -4.70
C SER A 168 23.13 -0.32 -5.26
N THR A 169 24.36 -0.72 -5.33
CA THR A 169 25.39 -0.03 -6.11
C THR A 169 25.16 -0.25 -7.59
N LEU A 170 25.89 0.48 -8.44
CA LEU A 170 25.83 0.22 -9.86
C LEU A 170 26.11 -1.20 -10.25
N ASP A 171 26.97 -1.87 -9.47
CA ASP A 171 27.33 -3.24 -9.73
C ASP A 171 26.52 -4.25 -8.98
N GLY A 172 25.32 -3.86 -8.52
CA GLY A 172 24.40 -4.87 -8.02
C GLY A 172 24.67 -5.39 -6.62
N LYS A 173 25.41 -4.62 -5.83
CA LYS A 173 25.75 -5.01 -4.48
C LYS A 173 24.86 -4.30 -3.46
N ILE A 174 24.33 -5.09 -2.54
CA ILE A 174 23.56 -4.56 -1.40
C ILE A 174 24.42 -4.44 -0.14
N ALA A 175 25.66 -4.94 -0.21
CA ALA A 175 26.65 -4.79 0.86
C ALA A 175 28.04 -4.89 0.28
N ASP A 176 29.00 -4.25 0.94
CA ASP A 176 30.40 -4.33 0.47
C ASP A 176 31.06 -5.63 0.94
N HIS A 177 32.35 -5.72 0.69
CA HIS A 177 33.07 -6.97 0.99
C HIS A 177 33.09 -7.34 2.46
N ARG A 178 32.85 -6.37 3.33
CA ARG A 178 32.73 -6.61 4.78
C ARG A 178 31.30 -6.88 5.26
N GLY A 179 30.33 -6.89 4.33
CA GLY A 179 28.94 -7.05 4.64
C GLY A 179 28.28 -5.76 5.10
N ASP A 180 28.95 -4.61 4.91
CA ASP A 180 28.46 -3.31 5.38
C ASP A 180 27.48 -2.81 4.31
N SER A 181 26.35 -2.26 4.73
CA SER A 181 25.32 -1.74 3.81
CA SER A 181 25.35 -1.73 3.80
C SER A 181 24.97 -0.28 4.09
N LYS A 182 25.57 0.32 5.11
CA LYS A 182 25.24 1.68 5.43
C LYS A 182 25.51 2.68 4.29
N TRP A 183 24.69 3.71 4.23
CA TRP A 183 24.98 4.87 3.40
C TRP A 183 24.82 4.61 1.92
N ILE A 184 24.13 3.56 1.51
CA ILE A 184 23.86 3.45 0.05
C ILE A 184 22.77 4.44 -0.40
N THR A 185 21.62 4.45 0.26
CA THR A 185 20.55 5.39 -0.08
C THR A 185 20.74 6.64 0.79
N ASP A 186 20.58 7.81 0.21
CA ASP A 186 20.79 9.08 0.92
C ASP A 186 19.72 10.08 0.50
N LYS A 187 19.85 10.63 -0.69
CA LYS A 187 18.89 11.61 -1.18
C LYS A 187 17.53 11.04 -1.54
N LEU A 188 17.46 9.73 -1.71
CA LEU A 188 16.16 9.08 -1.96
C LEU A 188 15.60 8.39 -0.74
N ARG A 189 16.24 8.51 0.43
CA ARG A 189 15.65 7.97 1.67
C ARG A 189 14.18 8.39 1.93
N PHE A 190 13.80 9.59 1.52
CA PHE A 190 12.45 10.08 1.75
C PHE A 190 11.40 9.20 1.07
N LYS A 191 11.77 8.57 -0.04
CA LYS A 191 10.89 7.66 -0.77
C LYS A 191 10.66 6.40 0.02
N VAL A 192 11.67 5.93 0.72
CA VAL A 192 11.53 4.76 1.54
C VAL A 192 10.57 5.00 2.71
N HIS A 193 10.72 6.16 3.36
CA HIS A 193 9.88 6.46 4.50
C HIS A 193 8.45 6.73 4.08
N GLU A 194 8.27 7.26 2.89
CA GLU A 194 6.93 7.41 2.31
C GLU A 194 6.32 6.07 2.14
N MSE A 195 7.08 5.14 1.56
CA MSE A 195 6.58 3.78 1.41
C MSE A 195 6.24 3.13 2.75
O MSE A 195 5.19 2.56 2.91
CB MSE A 195 7.55 2.88 0.61
CG MSE A 195 7.69 3.24 -0.86
SE MSE A 195 9.29 2.34 -1.56
CE MSE A 195 9.34 3.28 -3.28
N ARG A 196 7.13 3.29 3.75
CA ARG A 196 6.85 2.72 5.06
C ARG A 196 5.61 3.28 5.74
N ASN A 197 5.24 4.51 5.38
CA ASN A 197 4.07 5.21 5.90
C ASN A 197 2.76 4.73 5.23
N ILE A 198 2.89 3.98 4.14
CA ILE A 198 1.73 3.58 3.30
C ILE A 198 1.51 2.05 3.29
N TYR A 199 2.58 1.32 3.16
CA TYR A 199 2.50 -0.17 3.19
C TYR A 199 2.11 -0.60 4.55
N SER A 200 1.24 -1.60 4.66
CA SER A 200 0.78 -2.02 5.98
C SER A 200 1.89 -2.71 6.77
N ALA A 201 2.76 -3.49 6.09
CA ALA A 201 3.86 -4.23 6.73
C ALA A 201 5.17 -4.02 5.98
N VAL A 202 6.30 -4.15 6.69
CA VAL A 202 7.62 -4.23 6.07
C VAL A 202 8.18 -5.58 6.50
N LEU A 203 8.99 -6.17 5.65
CA LEU A 203 9.44 -7.54 5.87
C LEU A 203 10.99 -7.62 5.71
N VAL A 204 11.66 -8.25 6.66
CA VAL A 204 13.08 -8.55 6.52
C VAL A 204 13.40 -9.94 7.03
N GLY A 205 14.49 -10.50 6.49
CA GLY A 205 15.05 -11.72 7.04
C GLY A 205 15.93 -11.55 8.26
N ALA A 206 16.20 -12.68 8.91
CA ALA A 206 17.01 -12.68 10.12
C ALA A 206 18.46 -12.32 9.88
N GLY A 207 18.99 -12.56 8.68
CA GLY A 207 20.43 -12.25 8.39
C GLY A 207 20.60 -10.73 8.48
N THR A 208 19.60 -10.01 7.96
CA THR A 208 19.57 -8.54 8.03
C THR A 208 19.46 -8.05 9.46
N VAL A 209 18.65 -8.70 10.27
CA VAL A 209 18.53 -8.30 11.64
C VAL A 209 19.86 -8.53 12.36
N LEU A 210 20.47 -9.67 12.12
CA LEU A 210 21.70 -9.98 12.81
C LEU A 210 22.81 -9.02 12.39
N LYS A 211 22.85 -8.69 11.10
CA LYS A 211 23.97 -7.90 10.57
C LYS A 211 23.78 -6.41 10.81
N ASP A 212 22.58 -5.91 10.55
CA ASP A 212 22.30 -4.47 10.55
C ASP A 212 21.57 -3.97 11.81
N ASN A 213 20.91 -4.86 12.56
CA ASN A 213 20.04 -4.50 13.69
C ASN A 213 19.22 -3.25 13.40
N PRO A 214 18.44 -3.29 12.30
CA PRO A 214 17.72 -2.11 11.84
C PRO A 214 16.50 -1.78 12.69
N GLN A 215 16.05 -0.53 12.63
CA GLN A 215 14.80 -0.14 13.24
C GLN A 215 13.59 -0.57 12.42
N LEU A 216 13.69 -0.41 11.08
CA LEU A 216 12.58 -0.65 10.15
C LEU A 216 11.30 0.13 10.47
N THR A 217 11.48 1.32 11.03
CA THR A 217 10.38 2.20 11.42
C THR A 217 10.18 3.25 10.31
N CYS A 218 9.03 3.91 10.31
CA CYS A 218 8.85 5.05 9.42
C CYS A 218 9.49 6.18 10.17
N ARG A 219 10.49 6.85 9.58
CA ARG A 219 11.26 7.91 10.25
C ARG A 219 10.60 9.28 10.17
N LEU A 220 9.49 9.37 9.45
CA LEU A 220 8.65 10.57 9.53
C LEU A 220 8.04 10.62 10.94
N LYS A 221 8.34 11.69 11.64
CA LYS A 221 7.92 11.84 13.04
C LYS A 221 6.41 11.72 13.24
N GLU A 222 5.64 12.28 12.29
CA GLU A 222 4.18 12.22 12.35
C GLU A 222 3.58 11.14 11.43
N GLY A 223 4.43 10.23 10.96
CA GLY A 223 3.98 9.11 10.17
C GLY A 223 3.54 8.06 11.15
N ARG A 224 3.44 6.82 10.69
CA ARG A 224 3.11 5.72 11.57
C ARG A 224 3.96 4.56 11.20
N ASN A 225 4.39 3.78 12.18
CA ASN A 225 5.19 2.62 11.89
C ASN A 225 4.46 1.47 11.28
N PRO A 226 5.03 0.91 10.22
CA PRO A 226 4.30 -0.29 9.72
C PRO A 226 4.49 -1.52 10.58
N VAL A 227 3.61 -2.51 10.42
CA VAL A 227 3.85 -3.83 10.99
C VAL A 227 5.20 -4.38 10.51
N ARG A 228 6.03 -4.87 11.44
CA ARG A 228 7.24 -5.57 11.04
C ARG A 228 7.02 -7.08 10.97
N VAL A 229 7.35 -7.67 9.82
CA VAL A 229 7.32 -9.12 9.63
C VAL A 229 8.77 -9.58 9.50
N ILE A 230 9.21 -10.42 10.44
CA ILE A 230 10.59 -10.91 10.49
C ILE A 230 10.56 -12.39 10.14
N LEU A 231 11.35 -12.75 9.15
CA LEU A 231 11.47 -14.14 8.73
C LEU A 231 12.68 -14.80 9.39
N ASP A 232 12.42 -15.70 10.34
CA ASP A 232 13.46 -16.34 11.15
C ASP A 232 13.21 -17.84 11.22
N ARG A 233 13.26 -18.47 10.06
CA ARG A 233 12.94 -19.91 9.95
C ARG A 233 13.57 -20.74 11.08
N LYS A 234 14.87 -20.52 11.28
CA LYS A 234 15.69 -21.31 12.18
C LYS A 234 15.75 -20.78 13.61
N GLY A 235 15.13 -19.66 13.90
CA GLY A 235 15.06 -19.18 15.28
C GLY A 235 16.37 -18.63 15.79
N VAL A 236 17.17 -18.08 14.88
CA VAL A 236 18.44 -17.48 15.27
C VAL A 236 18.26 -16.16 15.99
N LEU A 237 17.07 -15.56 15.94
CA LEU A 237 16.86 -14.34 16.69
C LEU A 237 16.32 -14.54 18.10
N SER A 238 16.22 -15.80 18.53
CA SER A 238 15.68 -16.11 19.82
C SER A 238 16.50 -15.57 20.97
N GLY A 239 15.81 -15.06 22.00
CA GLY A 239 16.46 -14.71 23.28
C GLY A 239 17.22 -13.39 23.27
N LYS A 240 16.99 -12.54 22.28
CA LYS A 240 17.74 -11.27 22.16
C LYS A 240 16.77 -10.19 21.80
N VAL A 241 17.02 -8.95 22.23
CA VAL A 241 16.09 -7.86 21.90
C VAL A 241 16.68 -6.94 20.80
N PHE A 242 16.45 -7.33 19.59
CA PHE A 242 16.87 -6.53 18.46
C PHE A 242 15.95 -5.34 18.33
N ARG A 243 16.39 -4.33 17.62
CA ARG A 243 15.60 -3.13 17.46
C ARG A 243 14.30 -3.44 16.75
N VAL A 244 14.28 -4.43 15.87
CA VAL A 244 12.96 -4.78 15.27
C VAL A 244 11.96 -5.33 16.33
N PHE A 245 12.43 -5.68 17.53
CA PHE A 245 11.49 -6.17 18.55
C PHE A 245 11.11 -5.09 19.54
N GLU A 246 11.48 -3.84 19.30
CA GLU A 246 11.04 -2.74 20.16
C GLU A 246 9.55 -2.59 20.07
N GLU A 247 8.92 -2.15 21.14
CA GLU A 247 7.46 -2.14 21.15
C GLU A 247 6.93 -0.81 20.67
N ASN A 248 7.21 -0.51 19.43
CA ASN A 248 6.76 0.72 18.79
C ASN A 248 5.95 0.43 17.49
N ALA A 249 5.53 -0.83 17.33
CA ALA A 249 4.80 -1.31 16.17
C ALA A 249 4.38 -2.73 16.45
N ARG A 250 3.39 -3.23 15.72
CA ARG A 250 3.07 -4.64 15.74
C ARG A 250 4.21 -5.41 15.09
N VAL A 251 4.57 -6.55 15.67
CA VAL A 251 5.72 -7.34 15.19
C VAL A 251 5.31 -8.80 15.14
N ILE A 252 5.55 -9.41 13.98
CA ILE A 252 5.28 -10.84 13.74
C ILE A 252 6.56 -11.51 13.27
N VAL A 253 6.94 -12.62 13.91
CA VAL A 253 8.13 -13.39 13.50
C VAL A 253 7.62 -14.73 13.01
N PHE A 254 7.96 -15.06 11.77
CA PHE A 254 7.64 -16.36 11.19
C PHE A 254 8.86 -17.24 11.42
N THR A 255 8.62 -18.43 11.95
CA THR A 255 9.70 -19.35 12.22
C THR A 255 9.18 -20.78 12.21
N GLU A 256 10.08 -21.72 11.98
CA GLU A 256 9.76 -23.12 12.15
C GLU A 256 10.32 -23.64 13.47
N SER A 257 10.94 -22.78 14.26
CA SER A 257 11.54 -23.22 15.53
C SER A 257 10.55 -23.19 16.69
N GLU A 258 10.26 -24.36 17.29
CA GLU A 258 9.41 -24.38 18.46
C GLU A 258 10.15 -23.83 19.65
N GLU A 259 11.46 -23.97 19.64
CA GLU A 259 12.31 -23.55 20.74
C GLU A 259 12.46 -22.04 20.85
N ALA A 260 12.33 -21.37 19.71
CA ALA A 260 12.64 -19.94 19.67
C ALA A 260 11.74 -19.14 20.59
N GLU A 261 12.32 -18.15 21.24
CA GLU A 261 11.55 -17.30 22.13
C GLU A 261 11.86 -15.84 21.87
N TYR A 262 10.80 -15.06 21.73
CA TYR A 262 10.87 -13.67 21.40
C TYR A 262 10.14 -12.86 22.49
N PRO A 263 10.34 -11.55 22.53
CA PRO A 263 9.72 -10.79 23.60
C PRO A 263 8.19 -10.93 23.64
N PRO A 264 7.59 -10.71 24.82
CA PRO A 264 6.14 -11.01 24.91
C PRO A 264 5.19 -10.20 24.04
N HIS A 265 5.58 -9.04 23.56
CA HIS A 265 4.68 -8.27 22.71
C HIS A 265 4.84 -8.65 21.25
N VAL A 266 5.78 -9.55 20.93
CA VAL A 266 6.00 -10.02 19.54
C VAL A 266 5.18 -11.26 19.26
N GLU A 267 4.47 -11.29 18.13
CA GLU A 267 3.73 -12.48 17.79
C GLU A 267 4.66 -13.50 17.15
N LYS A 268 4.76 -14.68 17.74
CA LYS A 268 5.49 -15.76 17.14
C LYS A 268 4.51 -16.55 16.31
N ALA A 269 4.82 -16.70 15.03
CA ALA A 269 3.99 -17.46 14.15
C ALA A 269 4.80 -18.64 13.69
N LEU A 270 4.46 -19.79 14.21
CA LEU A 270 5.14 -21.01 13.86
C LEU A 270 4.59 -21.48 12.54
N SER A 271 5.44 -21.65 11.53
CA SER A 271 4.99 -21.81 10.15
C SER A 271 5.93 -22.65 9.36
N ASP A 272 5.44 -23.23 8.26
CA ASP A 272 6.35 -23.93 7.35
C ASP A 272 7.24 -22.92 6.65
N CYS A 273 6.81 -21.65 6.61
CA CYS A 273 7.65 -20.54 6.12
C CYS A 273 7.83 -20.42 4.59
N SER A 274 6.99 -21.11 3.83
CA SER A 274 6.91 -20.91 2.40
C SER A 274 6.39 -19.48 2.18
N VAL A 275 6.77 -18.86 1.07
CA VAL A 275 6.22 -17.55 0.72
C VAL A 275 4.71 -17.63 0.74
N GLU A 276 4.17 -18.71 0.19
CA GLU A 276 2.75 -18.94 0.15
C GLU A 276 2.10 -18.94 1.53
N SER A 277 2.72 -19.59 2.49
CA SER A 277 2.17 -19.64 3.82
CA SER A 277 2.15 -19.63 3.83
C SER A 277 2.29 -18.26 4.49
N ILE A 278 3.43 -17.61 4.30
CA ILE A 278 3.62 -16.28 4.86
C ILE A 278 2.51 -15.35 4.32
N LEU A 279 2.29 -15.36 3.00
CA LEU A 279 1.34 -14.40 2.42
C LEU A 279 -0.11 -14.68 2.88
N ARG A 280 -0.46 -15.97 2.96
CA ARG A 280 -1.77 -16.36 3.49
C ARG A 280 -1.93 -15.93 4.95
N ASN A 281 -0.88 -16.12 5.73
CA ASN A 281 -0.90 -15.73 7.11
C ASN A 281 -1.08 -14.24 7.29
N LEU A 282 -0.47 -13.46 6.41
CA LEU A 282 -0.57 -12.01 6.49
C LEU A 282 -1.99 -11.54 6.09
N TYR A 283 -2.52 -12.12 5.02
CA TYR A 283 -3.91 -11.90 4.60
C TYR A 283 -4.88 -12.14 5.73
N GLU A 284 -4.65 -13.23 6.44
CA GLU A 284 -5.49 -13.61 7.59
C GLU A 284 -5.30 -12.70 8.79
N ARG A 285 -4.23 -11.88 8.80
CA ARG A 285 -4.03 -10.87 9.83
C ARG A 285 -4.37 -9.46 9.33
N ASP A 286 -5.17 -9.42 8.26
CA ASP A 286 -5.69 -8.20 7.69
C ASP A 286 -4.60 -7.26 7.17
N ILE A 287 -3.53 -7.82 6.64
CA ILE A 287 -2.42 -7.01 6.06
C ILE A 287 -2.60 -6.99 4.53
N ASP A 288 -2.82 -5.81 3.94
CA ASP A 288 -3.13 -5.76 2.53
C ASP A 288 -1.90 -5.48 1.64
N SER A 289 -0.77 -5.22 2.29
CA SER A 289 0.42 -4.84 1.58
C SER A 289 1.69 -5.09 2.39
N VAL A 290 2.70 -5.60 1.70
CA VAL A 290 3.98 -5.83 2.35
CA VAL A 290 4.00 -5.91 2.30
C VAL A 290 5.14 -5.34 1.50
N LEU A 291 6.06 -4.64 2.16
CA LEU A 291 7.28 -4.10 1.56
C LEU A 291 8.45 -4.93 2.01
N VAL A 292 8.93 -5.76 1.09
CA VAL A 292 10.03 -6.67 1.34
C VAL A 292 11.31 -5.85 1.18
N GLU A 293 12.09 -5.76 2.26
CA GLU A 293 13.26 -4.90 2.27
C GLU A 293 14.59 -5.66 2.40
N GLY A 294 14.60 -7.00 2.35
CA GLY A 294 15.88 -7.73 2.27
C GLY A 294 16.04 -8.80 3.35
N GLY A 295 17.21 -9.43 3.44
CA GLY A 295 18.32 -9.15 2.55
C GLY A 295 18.33 -10.06 1.36
N SER A 296 19.51 -10.50 0.99
CA SER A 296 19.71 -11.18 -0.31
C SER A 296 18.91 -12.47 -0.43
N LYS A 297 18.89 -13.26 0.63
CA LYS A 297 18.13 -14.51 0.57
C LYS A 297 16.64 -14.23 0.42
N VAL A 298 16.15 -13.28 1.22
CA VAL A 298 14.76 -12.84 1.17
C VAL A 298 14.41 -12.28 -0.21
N PHE A 299 15.25 -11.41 -0.74
CA PHE A 299 14.98 -10.86 -2.06
C PHE A 299 14.81 -11.97 -3.10
N SER A 300 15.70 -12.93 -3.01
CA SER A 300 15.74 -14.07 -3.92
C SER A 300 14.46 -14.90 -3.88
N GLU A 301 13.94 -15.11 -2.67
CA GLU A 301 12.73 -15.90 -2.46
C GLU A 301 11.48 -15.14 -2.90
N PHE A 302 11.44 -13.84 -2.67
CA PHE A 302 10.22 -13.10 -2.96
C PHE A 302 10.13 -12.53 -4.38
N LEU A 303 11.22 -12.57 -5.12
CA LEU A 303 11.30 -11.87 -6.38
C LEU A 303 10.19 -12.32 -7.33
N ASP A 304 9.99 -13.62 -7.45
CA ASP A 304 8.90 -14.15 -8.30
C ASP A 304 7.46 -13.87 -7.83
N HIS A 305 7.31 -13.28 -6.65
CA HIS A 305 6.03 -13.02 -6.02
C HIS A 305 5.76 -11.52 -5.96
N ALA A 306 6.69 -10.69 -6.40
CA ALA A 306 6.52 -9.22 -6.28
C ALA A 306 5.58 -8.70 -7.35
N ASP A 307 4.66 -7.82 -6.91
CA ASP A 307 3.78 -7.07 -7.77
C ASP A 307 4.46 -5.82 -8.32
N VAL A 308 5.45 -5.33 -7.58
CA VAL A 308 6.26 -4.19 -7.99
C VAL A 308 7.63 -4.36 -7.37
N VAL A 309 8.66 -3.91 -8.09
CA VAL A 309 10.01 -3.87 -7.59
C VAL A 309 10.51 -2.43 -7.70
N PHE A 310 11.07 -1.92 -6.60
CA PHE A 310 11.72 -0.61 -6.53
C PHE A 310 13.22 -0.81 -6.33
N GLY A 311 13.99 -0.49 -7.37
CA GLY A 311 15.42 -0.59 -7.28
C GLY A 311 15.96 0.78 -7.01
N PHE A 312 16.42 1.02 -5.79
CA PHE A 312 17.07 2.25 -5.43
C PHE A 312 18.55 2.06 -5.71
N TYR A 313 19.14 2.87 -6.61
CA TYR A 313 20.53 2.72 -6.92
C TYR A 313 21.34 3.94 -6.45
N SER A 314 22.63 3.66 -6.25
CA SER A 314 23.64 4.61 -6.01
C SER A 314 24.75 4.47 -7.07
N THR A 315 25.41 5.56 -7.42
CA THR A 315 26.57 5.46 -8.29
C THR A 315 27.83 4.96 -7.64
N LYS A 316 27.73 4.58 -6.37
CA LYS A 316 28.77 3.83 -5.73
C LYS A 316 29.02 2.54 -6.49
N ILE A 317 30.24 2.04 -6.39
CA ILE A 317 30.67 0.82 -7.01
C ILE A 317 31.48 0.11 -5.96
N PHE A 318 31.14 -1.12 -5.62
CA PHE A 318 31.87 -1.85 -4.56
C PHE A 318 32.89 -2.84 -5.11
N GLY A 319 32.74 -3.25 -6.36
CA GLY A 319 33.69 -4.24 -6.93
C GLY A 319 33.35 -5.68 -6.57
N LYS A 320 33.43 -5.96 -5.27
CA LYS A 320 33.11 -7.23 -4.68
C LYS A 320 32.14 -6.91 -3.56
N GLY A 321 31.27 -7.86 -3.27
CA GLY A 321 30.26 -7.64 -2.24
C GLY A 321 29.12 -8.63 -2.40
N LEU A 322 28.07 -8.42 -1.61
CA LEU A 322 26.89 -9.25 -1.59
C LEU A 322 25.91 -8.80 -2.66
N ASP A 323 25.66 -9.70 -3.60
CA ASP A 323 24.75 -9.45 -4.72
C ASP A 323 23.30 -9.36 -4.24
N VAL A 324 22.49 -8.56 -4.95
CA VAL A 324 21.10 -8.33 -4.55
C VAL A 324 20.34 -9.62 -4.43
N PHE A 325 20.53 -10.50 -5.41
CA PHE A 325 19.70 -11.69 -5.55
C PHE A 325 20.58 -12.90 -5.56
N SER A 326 21.39 -13.02 -4.53
CA SER A 326 22.49 -13.98 -4.55
C SER A 326 21.95 -15.42 -4.53
N GLY A 327 20.72 -15.59 -4.05
CA GLY A 327 20.06 -16.89 -4.05
C GLY A 327 19.33 -17.29 -5.32
N TYR A 328 19.22 -16.38 -6.28
CA TYR A 328 18.52 -16.62 -7.52
C TYR A 328 19.53 -17.18 -8.54
N LEU A 329 19.02 -17.80 -9.57
CA LEU A 329 19.88 -18.16 -10.70
C LEU A 329 19.04 -18.15 -11.92
N SER A 330 19.55 -17.45 -12.91
CA SER A 330 18.95 -17.43 -14.20
C SER A 330 20.12 -17.40 -15.15
N ASP A 331 19.83 -17.17 -16.42
CA ASP A 331 20.84 -17.06 -17.44
C ASP A 331 20.32 -16.21 -18.57
N VAL A 332 21.20 -15.90 -19.55
CA VAL A 332 20.89 -14.97 -20.64
C VAL A 332 19.68 -15.42 -21.43
N SER A 333 19.36 -16.71 -21.43
CA SER A 333 18.26 -17.11 -22.30
C SER A 333 16.87 -16.84 -21.73
N VAL A 334 16.79 -16.45 -20.46
CA VAL A 334 15.48 -16.23 -19.83
C VAL A 334 15.04 -14.78 -20.11
N PRO A 335 13.86 -14.60 -20.69
CA PRO A 335 13.47 -13.23 -20.96
C PRO A 335 13.17 -12.44 -19.68
N PRO A 336 13.19 -11.12 -19.78
CA PRO A 336 12.98 -10.30 -18.61
C PRO A 336 11.58 -10.43 -18.17
N LYS A 337 11.38 -10.43 -16.88
CA LYS A 337 10.08 -10.61 -16.29
C LYS A 337 9.46 -9.30 -15.86
N PHE A 338 10.20 -8.19 -15.99
CA PHE A 338 9.70 -6.87 -15.57
C PHE A 338 9.84 -5.82 -16.64
N LYS A 339 8.91 -4.88 -16.63
CA LYS A 339 9.04 -3.68 -17.39
C LYS A 339 9.28 -2.47 -16.51
N VAL A 340 10.06 -1.52 -17.04
CA VAL A 340 10.32 -0.26 -16.33
C VAL A 340 9.14 0.66 -16.53
N VAL A 341 8.58 1.16 -15.45
CA VAL A 341 7.43 2.06 -15.61
C VAL A 341 7.76 3.46 -15.20
N ASN A 342 8.85 3.63 -14.48
CA ASN A 342 9.25 4.94 -14.04
C ASN A 342 10.69 4.92 -13.56
N VAL A 343 11.39 6.04 -13.80
CA VAL A 343 12.74 6.25 -13.26
C VAL A 343 12.79 7.63 -12.67
N GLU A 344 13.42 7.79 -11.51
CA GLU A 344 13.66 9.12 -10.98
C GLU A 344 15.12 9.20 -10.59
N PHE A 345 15.71 10.38 -10.59
CA PHE A 345 17.08 10.46 -10.11
C PHE A 345 17.37 11.76 -9.42
N SER A 346 18.37 11.72 -8.59
CA SER A 346 18.84 12.91 -7.94
C SER A 346 20.28 12.71 -7.52
N ASP A 347 21.14 13.63 -7.90
CA ASP A 347 22.52 13.61 -7.50
C ASP A 347 23.18 12.28 -7.88
N SER A 348 23.52 11.47 -6.89
CA SER A 348 24.24 10.24 -7.12
C SER A 348 23.36 9.03 -6.99
N GLU A 349 22.05 9.21 -7.10
CA GLU A 349 21.12 8.14 -6.89
C GLU A 349 20.04 8.13 -7.95
N PHE A 350 19.53 6.96 -8.22
CA PHE A 350 18.36 6.79 -9.05
C PHE A 350 17.44 5.66 -8.57
N LEU A 351 16.18 5.77 -8.93
CA LEU A 351 15.12 4.86 -8.48
C LEU A 351 14.41 4.39 -9.72
N VAL A 352 14.32 3.07 -9.88
CA VAL A 352 13.65 2.44 -10.99
C VAL A 352 12.47 1.70 -10.43
N GLU A 353 11.28 1.96 -10.96
CA GLU A 353 10.08 1.19 -10.62
C GLU A 353 9.80 0.20 -11.75
N MSE A 354 9.68 -1.08 -11.38
CA MSE A 354 9.46 -2.12 -12.34
C MSE A 354 8.19 -2.92 -12.02
O MSE A 354 7.89 -3.17 -10.86
CB MSE A 354 10.71 -2.99 -12.37
CG MSE A 354 11.90 -2.25 -12.95
SE MSE A 354 13.45 -3.19 -12.44
CE MSE A 354 13.81 -2.50 -10.62
N ARG A 355 7.45 -3.34 -13.05
CA ARG A 355 6.29 -4.11 -12.84
C ARG A 355 6.32 -5.36 -13.71
N PRO A 356 5.74 -6.45 -13.21
CA PRO A 356 5.75 -7.72 -13.89
C PRO A 356 5.12 -7.63 -15.27
N CYS A 357 5.70 -8.35 -16.22
CA CYS A 357 5.21 -8.35 -17.60
C CYS A 357 3.92 -9.15 -17.77
ZN ZN B . -19.98 4.04 2.08
CL CL C . 15.84 0.96 9.12
PA NDP D . 18.46 -12.26 4.93
O1A NDP D . 18.21 -10.96 5.59
O2A NDP D . 17.99 -12.57 3.59
O5B NDP D . 18.13 -13.39 6.01
C5B NDP D . 18.24 -14.76 5.75
C4B NDP D . 17.68 -15.50 6.95
O4B NDP D . 16.26 -15.37 6.91
C3B NDP D . 18.05 -16.99 7.03
O3B NDP D . 18.16 -17.43 8.38
C2B NDP D . 16.82 -17.59 6.43
O2B NDP D . 16.50 -18.91 6.81
C1B NDP D . 15.72 -16.66 6.90
N9A NDP D . 14.69 -16.72 5.88
C8A NDP D . 14.80 -16.45 4.54
N7A NDP D . 13.59 -16.68 4.01
C5A NDP D . 12.73 -17.06 4.99
C6A NDP D . 11.38 -17.41 5.01
N6A NDP D . 10.67 -17.57 3.89
N1A NDP D . 10.80 -17.75 6.21
C2A NDP D . 11.54 -17.75 7.36
N3A NDP D . 12.89 -17.43 7.33
C4A NDP D . 13.44 -17.08 6.17
O3 NDP D . 20.08 -12.41 5.01
PN NDP D . 21.27 -12.16 3.96
O1N NDP D . 20.96 -12.79 2.67
O2N NDP D . 22.49 -12.50 4.67
O5D NDP D . 21.35 -10.57 3.75
C5D NDP D . 21.78 -9.73 4.81
C4D NDP D . 22.78 -8.77 4.26
O4D NDP D . 22.13 -7.92 3.33
C3D NDP D . 23.45 -7.88 5.29
O3D NDP D . 24.75 -7.73 4.83
C2D NDP D . 22.78 -6.53 5.14
O2D NDP D . 23.72 -5.50 5.49
C1D NDP D . 22.42 -6.55 3.67
N1N NDP D . 21.20 -5.79 3.37
C2N NDP D . 21.21 -4.84 2.39
C3N NDP D . 20.08 -4.11 2.07
C7N NDP D . 20.11 -3.15 0.91
O7N NDP D . 18.86 -3.04 0.24
N7N NDP D . 21.29 -2.51 0.63
C4N NDP D . 18.74 -4.60 2.53
C5N NDP D . 18.82 -5.65 3.60
C6N NDP D . 20.04 -6.19 3.95
P2B NDP D . 17.41 -20.11 6.22
O1X NDP D . 17.49 -19.93 4.72
O2X NDP D . 18.77 -20.01 6.88
O3X NDP D . 16.80 -21.45 6.57
C1 GOL E . -33.01 16.42 -6.83
O1 GOL E . -31.95 15.56 -7.11
C2 GOL E . -33.28 17.15 -8.13
O2 GOL E . -32.09 17.32 -8.88
C3 GOL E . -33.84 18.52 -7.77
O3 GOL E . -35.22 18.42 -7.66
C1 GOL F . 21.48 1.11 2.71
O1 GOL F . 21.07 2.44 2.46
C2 GOL F . 20.35 0.11 2.74
O2 GOL F . 19.09 0.66 3.05
C3 GOL F . 20.64 -0.96 3.78
O3 GOL F . 21.03 -0.41 5.02
C1 GOL G . 2.26 -11.06 -9.06
O1 GOL G . 2.27 -10.63 -10.41
C2 GOL G . 2.60 -12.54 -9.01
O2 GOL G . 2.45 -13.09 -7.72
C3 GOL G . 4.02 -12.67 -9.48
O3 GOL G . 4.23 -11.78 -10.54
C1 GOL H . 18.30 -2.89 6.24
O1 GOL H . 19.39 -2.81 7.13
C2 GOL H . 17.77 -1.50 5.97
O2 GOL H . 17.09 -0.99 7.09
C3 GOL H . 16.81 -1.55 4.81
O3 GOL H . 16.06 -2.68 5.08
C1 GOL I . -24.92 21.47 -10.97
O1 GOL I . -25.09 21.81 -9.62
C2 GOL I . -24.09 20.21 -11.14
O2 GOL I . -24.65 19.07 -10.42
C3 GOL I . -22.65 20.52 -10.73
O3 GOL I . -22.00 21.56 -11.46
C1 GOL J . 32.44 4.85 -4.87
O1 GOL J . 31.63 3.75 -4.65
C2 GOL J . 33.13 4.49 -6.14
O2 GOL J . 34.51 4.51 -5.88
C3 GOL J . 32.64 5.31 -7.37
O3 GOL J . 31.30 5.82 -7.25
C1 GOL K . 7.11 6.93 -8.11
O1 GOL K . 7.52 8.11 -7.46
C2 GOL K . 8.29 5.97 -8.06
O2 GOL K . 8.20 5.08 -9.14
C3 GOL K . 8.24 5.28 -6.71
O3 GOL K . 7.91 6.23 -5.72
C1 GOL L . -32.64 5.50 0.30
O1 GOL L . -32.45 4.60 -0.75
C2 GOL L . -33.85 6.31 -0.01
O2 GOL L . -34.32 6.90 1.17
C3 GOL L . -34.88 5.40 -0.67
O3 GOL L . -34.31 4.12 -0.85
#